data_7WB8
#
_entry.id   7WB8
#
_cell.length_a   54.600
_cell.length_b   58.380
_cell.length_c   67.200
_cell.angle_alpha   90.00
_cell.angle_beta   90.00
_cell.angle_gamma   90.00
#
_symmetry.space_group_name_H-M   'P 21 21 21'
#
loop_
_entity.id
_entity.type
_entity.pdbx_description
1 polymer 'Cationic trypsin'
2 non-polymer 2-(5-methoxy-1H-indol-3-yl)ethanamine
3 non-polymer 'DIMETHYL SULFOXIDE'
4 non-polymer 'CALCIUM ION'
5 water water
#
_entity_poly.entity_id   1
_entity_poly.type   'polypeptide(L)'
_entity_poly.pdbx_seq_one_letter_code
;IVGGYTCGANTVPYQVSLNSGYHFCGGSLINSQWVVSAAHCYKSGIQVRLGEDNINVVEGNEQFISASKSIVHPSYNSNT
LNNDIMLIKLKSAASLNSRVASISLPTSCASAGTQCLISGWGNTKSSGTSYPDVLKCLKAPILSDSSCKSAYPGQITSNM
FCAGYLEGGKDSCQGDSGGPVVCSGKLQGIVSWGSGCAQKNKPGVYTKVCNYVSWIKQTIASN
;
_entity_poly.pdbx_strand_id   A
#
loop_
_chem_comp.id
_chem_comp.type
_chem_comp.name
_chem_comp.formula
CA non-polymer 'CALCIUM ION' 'Ca 2'
DMS non-polymer 'DIMETHYL SULFOXIDE' 'C2 H6 O S'
F5U non-polymer 2-(5-methoxy-1H-indol-3-yl)ethanamine 'C11 H14 N2 O'
#
# COMPACT_ATOMS: atom_id res chain seq x y z
N ILE A 1 5.55 0.86 9.67
CA ILE A 1 4.92 -0.32 10.29
C ILE A 1 5.37 -0.37 11.74
N VAL A 2 4.39 -0.32 12.62
CA VAL A 2 4.58 -0.43 14.07
C VAL A 2 4.29 -1.90 14.44
N GLY A 3 5.20 -2.49 15.21
CA GLY A 3 4.95 -3.82 15.77
C GLY A 3 5.11 -4.96 14.75
N GLY A 4 5.82 -4.68 13.67
CA GLY A 4 6.08 -5.67 12.63
C GLY A 4 7.43 -6.32 12.83
N TYR A 5 7.86 -6.89 11.73
CA TYR A 5 9.11 -7.64 11.61
C TYR A 5 9.80 -7.21 10.33
N THR A 6 11.10 -7.42 10.33
CA THR A 6 11.91 -7.19 9.13
C THR A 6 11.55 -8.24 8.09
N CYS A 7 11.07 -7.83 6.94
CA CYS A 7 10.56 -8.81 5.95
C CYS A 7 11.66 -9.74 5.49
N GLY A 8 12.84 -9.19 5.24
CA GLY A 8 13.93 -9.84 4.56
C GLY A 8 14.03 -9.33 3.17
N ALA A 9 15.24 -9.18 2.67
CA ALA A 9 15.47 -8.59 1.36
C ALA A 9 14.71 -9.35 0.26
N ASN A 10 13.85 -8.60 -0.45
CA ASN A 10 13.18 -8.99 -1.71
C ASN A 10 12.25 -10.16 -1.47
N THR A 11 11.73 -10.27 -0.25
CA THR A 11 10.70 -11.26 0.06
C THR A 11 9.31 -10.75 -0.27
N VAL A 12 9.19 -9.47 -0.62
CA VAL A 12 7.90 -8.83 -0.95
C VAL A 12 8.16 -8.18 -2.30
N PRO A 13 8.20 -8.96 -3.39
CA PRO A 13 8.79 -8.48 -4.63
C PRO A 13 7.95 -7.49 -5.43
N TYR A 14 6.71 -7.34 -5.01
CA TYR A 14 5.80 -6.35 -5.62
C TYR A 14 5.85 -4.99 -4.96
N GLN A 15 6.52 -4.90 -3.85
CA GLN A 15 6.56 -3.64 -3.10
C GLN A 15 7.41 -2.65 -3.86
N VAL A 16 6.88 -1.46 -4.01
CA VAL A 16 7.65 -0.35 -4.62
C VAL A 16 7.75 0.78 -3.61
N SER A 17 8.81 1.54 -3.80
CA SER A 17 9.00 2.85 -3.11
C SER A 17 8.83 3.93 -4.15
N LEU A 18 7.98 4.91 -3.82
CA LEU A 18 7.81 6.12 -4.62
C LEU A 18 8.77 7.16 -4.08
N ASN A 19 9.63 7.65 -4.95
CA ASN A 19 10.73 8.55 -4.60
C ASN A 19 10.61 9.86 -5.35
N SER A 20 10.65 10.95 -4.58
CA SER A 20 10.69 12.32 -5.16
C SER A 20 11.90 13.04 -4.58
N GLY A 21 13.03 12.36 -4.55
CA GLY A 21 14.22 12.85 -3.83
C GLY A 21 14.42 12.18 -2.49
N TYR A 22 13.43 11.41 -2.10
CA TYR A 22 13.29 10.74 -0.82
C TYR A 22 12.08 9.81 -0.97
N HIS A 23 12.05 8.76 -0.20
CA HIS A 23 10.87 7.87 -0.12
C HIS A 23 9.72 8.64 0.47
N PHE A 24 8.58 8.57 -0.15
CA PHE A 24 7.40 9.23 0.42
C PHE A 24 6.14 8.39 0.45
N CYS A 25 6.12 7.26 -0.27
CA CYS A 25 4.93 6.41 -0.27
C CYS A 25 5.36 5.06 -0.81
N GLY A 26 4.57 4.07 -0.43
CA GLY A 26 4.68 2.79 -1.08
C GLY A 26 3.74 2.65 -2.27
N GLY A 27 3.79 1.47 -2.86
CA GLY A 27 2.94 1.10 -3.99
C GLY A 27 3.16 -0.34 -4.29
N SER A 28 2.38 -0.81 -5.24
CA SER A 28 2.42 -2.24 -5.62
C SER A 28 2.55 -2.35 -7.12
N LEU A 29 3.43 -3.19 -7.59
CA LEU A 29 3.62 -3.47 -9.03
C LEU A 29 2.54 -4.47 -9.44
N ILE A 30 1.67 -4.09 -10.36
CA ILE A 30 0.57 -4.99 -10.80
C ILE A 30 0.80 -5.55 -12.20
N ASN A 31 1.73 -5.00 -12.93
CA ASN A 31 2.25 -5.62 -14.17
C ASN A 31 3.57 -4.93 -14.49
N SER A 32 4.19 -5.23 -15.62
CA SER A 32 5.54 -4.70 -15.86
C SER A 32 5.57 -3.20 -16.00
N GLN A 33 4.43 -2.55 -16.22
CA GLN A 33 4.48 -1.11 -16.54
C GLN A 33 3.61 -0.27 -15.60
N TRP A 34 2.94 -0.87 -14.66
CA TRP A 34 1.93 -0.16 -13.85
C TRP A 34 2.09 -0.49 -12.38
N VAL A 35 1.93 0.56 -11.60
CA VAL A 35 1.94 0.57 -10.14
C VAL A 35 0.62 1.09 -9.63
N VAL A 36 0.13 0.50 -8.58
CA VAL A 36 -1.01 1.04 -7.86
C VAL A 36 -0.55 1.60 -6.53
N SER A 37 -1.07 2.76 -6.19
CA SER A 37 -0.77 3.37 -4.90
C SER A 37 -2.01 4.09 -4.42
N ALA A 38 -1.85 4.89 -3.41
CA ALA A 38 -2.93 5.70 -2.87
C ALA A 38 -2.96 7.04 -3.61
N ALA A 39 -4.17 7.52 -3.84
CA ALA A 39 -4.37 8.88 -4.41
C ALA A 39 -3.77 9.95 -3.53
N HIS A 40 -3.74 9.75 -2.23
CA HIS A 40 -3.13 10.77 -1.37
C HIS A 40 -1.62 10.80 -1.51
N CYS A 41 -1.03 9.87 -2.23
CA CYS A 41 0.38 9.90 -2.58
C CYS A 41 0.66 10.66 -3.87
N TYR A 42 -0.34 11.25 -4.48
CA TYR A 42 -0.11 11.95 -5.76
C TYR A 42 0.88 13.08 -5.56
N LYS A 43 1.83 13.13 -6.49
CA LYS A 43 2.63 14.32 -6.75
C LYS A 43 3.29 14.16 -8.11
N SER A 44 3.83 15.24 -8.65
CA SER A 44 4.53 15.11 -9.95
C SER A 44 6.01 14.80 -9.61
N GLY A 45 6.74 14.31 -10.57
CA GLY A 45 8.17 14.01 -10.43
C GLY A 45 8.38 12.74 -9.63
N ILE A 46 7.61 11.70 -9.87
CA ILE A 46 7.79 10.42 -9.15
C ILE A 46 8.80 9.54 -9.90
N GLN A 47 9.76 8.98 -9.17
CA GLN A 47 10.54 7.84 -9.62
C GLN A 47 10.07 6.63 -8.84
N VAL A 48 9.78 5.57 -9.55
CA VAL A 48 9.41 4.30 -8.90
C VAL A 48 10.67 3.46 -8.70
N ARG A 49 10.82 2.98 -7.48
CA ARG A 49 11.98 2.17 -7.12
C ARG A 49 11.49 0.78 -6.78
N LEU A 50 11.91 -0.14 -7.62
CA LEU A 50 11.57 -1.55 -7.53
C LEU A 50 12.77 -2.31 -6.99
N GLY A 51 12.51 -3.47 -6.40
CA GLY A 51 13.60 -4.33 -5.95
C GLY A 51 14.36 -3.81 -4.75
N GLU A 52 13.72 -2.93 -4.00
CA GLU A 52 14.33 -2.31 -2.83
C GLU A 52 14.26 -3.18 -1.58
N ASP A 53 15.31 -3.13 -0.77
CA ASP A 53 15.17 -3.50 0.66
C ASP A 53 15.60 -2.26 1.46
N ASN A 54 16.89 -2.00 1.56
CA ASN A 54 17.39 -0.79 2.18
C ASN A 54 17.25 0.33 1.13
N ILE A 55 16.39 1.27 1.47
CA ILE A 55 16.09 2.41 0.55
C ILE A 55 17.22 3.45 0.55
N ASN A 56 18.20 3.30 1.44
CA ASN A 56 19.32 4.23 1.46
C ASN A 56 20.62 3.69 0.91
N VAL A 57 20.61 2.41 0.50
CA VAL A 57 21.84 1.77 0.02
C VAL A 57 21.48 1.06 -1.26
N VAL A 58 22.36 1.18 -2.24
CA VAL A 58 22.24 0.41 -3.50
C VAL A 58 22.78 -0.98 -3.26
N GLU A 59 21.88 -1.96 -3.26
CA GLU A 59 22.24 -3.36 -2.87
C GLU A 59 22.36 -4.23 -4.11
N GLY A 60 21.79 -3.83 -5.23
CA GLY A 60 22.06 -4.56 -6.47
C GLY A 60 20.85 -5.13 -7.15
N ASN A 61 19.70 -5.18 -6.52
CA ASN A 61 18.50 -5.74 -7.20
C ASN A 61 17.53 -4.63 -7.63
N GLU A 62 17.92 -3.37 -7.47
CA GLU A 62 17.00 -2.24 -7.73
C GLU A 62 16.79 -2.01 -9.23
N GLN A 63 15.60 -1.51 -9.53
CA GLN A 63 15.31 -0.86 -10.81
C GLN A 63 14.62 0.47 -10.47
N PHE A 64 15.16 1.53 -11.05
CA PHE A 64 14.69 2.90 -10.84
C PHE A 64 14.08 3.31 -12.17
N ILE A 65 12.78 3.57 -12.18
CA ILE A 65 12.08 3.90 -13.43
C ILE A 65 11.16 5.09 -13.17
N SER A 66 11.28 6.11 -13.99
CA SER A 66 10.44 7.31 -13.84
C SER A 66 8.99 6.99 -14.22
N ALA A 67 8.07 7.69 -13.59
CA ALA A 67 6.65 7.65 -13.96
C ALA A 67 6.47 8.44 -15.26
N SER A 68 5.65 7.94 -16.18
CA SER A 68 5.24 8.73 -17.38
C SER A 68 3.92 9.38 -17.14
N LYS A 69 3.05 8.74 -16.40
CA LYS A 69 1.67 9.24 -16.23
C LYS A 69 1.16 8.79 -14.88
N SER A 70 0.44 9.64 -14.19
CA SER A 70 -0.28 9.29 -12.95
C SER A 70 -1.76 9.50 -13.20
N ILE A 71 -2.58 8.61 -12.71
CA ILE A 71 -4.03 8.68 -12.88
C ILE A 71 -4.64 8.50 -11.51
N VAL A 72 -5.11 9.59 -10.92
CA VAL A 72 -5.87 9.53 -9.68
C VAL A 72 -7.29 9.09 -10.02
N HIS A 73 -7.88 8.29 -9.16
CA HIS A 73 -9.26 7.85 -9.34
C HIS A 73 -10.17 9.06 -9.60
N PRO A 74 -11.07 8.99 -10.57
CA PRO A 74 -11.88 10.15 -10.91
C PRO A 74 -12.72 10.65 -9.73
N SER A 75 -13.04 9.79 -8.78
CA SER A 75 -13.94 10.13 -7.66
C SER A 75 -13.18 10.26 -6.34
N TYR A 76 -11.87 10.34 -6.39
CA TYR A 76 -11.10 10.54 -5.15
C TYR A 76 -11.52 11.83 -4.45
N ASN A 77 -11.83 11.72 -3.19
CA ASN A 77 -12.22 12.86 -2.33
C ASN A 77 -11.14 12.99 -1.26
N SER A 78 -10.33 14.04 -1.34
CA SER A 78 -9.20 14.22 -0.41
C SER A 78 -9.69 14.53 1.01
N ASN A 79 -10.91 14.95 1.20
CA ASN A 79 -11.42 15.22 2.56
C ASN A 79 -11.78 13.94 3.27
N THR A 80 -12.45 13.03 2.57
CA THR A 80 -12.96 11.78 3.20
C THR A 80 -12.05 10.59 2.92
N LEU A 81 -11.12 10.73 1.97
CA LEU A 81 -10.25 9.67 1.44
C LEU A 81 -11.07 8.55 0.82
N ASN A 82 -12.28 8.81 0.41
CA ASN A 82 -13.01 7.82 -0.39
C ASN A 82 -12.35 7.73 -1.78
N ASN A 83 -12.19 6.52 -2.28
CA ASN A 83 -11.58 6.24 -3.58
C ASN A 83 -10.11 6.63 -3.56
N ASP A 84 -9.43 6.25 -2.48
CA ASP A 84 -8.01 6.59 -2.30
C ASP A 84 -7.14 5.59 -3.08
N ILE A 85 -7.11 5.76 -4.38
CA ILE A 85 -6.36 4.88 -5.28
C ILE A 85 -5.87 5.67 -6.46
N MET A 86 -4.68 5.35 -6.93
CA MET A 86 -4.08 5.98 -8.09
C MET A 86 -3.25 4.92 -8.82
N LEU A 87 -3.19 5.09 -10.10
CA LEU A 87 -2.33 4.27 -10.99
C LEU A 87 -1.17 5.12 -11.51
N ILE A 88 -0.03 4.53 -11.61
CA ILE A 88 1.20 5.12 -12.12
C ILE A 88 1.74 4.26 -13.23
N LYS A 89 1.90 4.85 -14.39
CA LYS A 89 2.49 4.15 -15.53
C LYS A 89 3.98 4.47 -15.50
N LEU A 90 4.79 3.43 -15.66
CA LEU A 90 6.25 3.57 -15.82
C LEU A 90 6.64 3.96 -17.24
N LYS A 91 7.73 4.71 -17.36
CA LYS A 91 8.28 5.15 -18.67
C LYS A 91 8.69 3.93 -19.49
N SER A 92 9.19 2.90 -18.81
CA SER A 92 9.60 1.66 -19.50
C SER A 92 9.19 0.50 -18.60
N ALA A 93 9.05 -0.67 -19.20
CA ALA A 93 8.63 -1.85 -18.45
C ALA A 93 9.77 -2.25 -17.53
N ALA A 94 9.40 -2.69 -16.35
CA ALA A 94 10.28 -3.33 -15.37
C ALA A 94 10.70 -4.69 -15.92
N SER A 95 11.87 -5.12 -15.52
CA SER A 95 12.39 -6.47 -15.83
C SER A 95 11.94 -7.38 -14.69
N LEU A 96 11.00 -8.29 -14.93
CA LEU A 96 10.41 -9.11 -13.84
C LEU A 96 11.27 -10.34 -13.59
N ASN A 97 11.46 -10.70 -12.32
CA ASN A 97 12.36 -11.78 -11.85
C ASN A 97 11.85 -12.23 -10.47
N SER A 98 12.58 -13.05 -9.74
CA SER A 98 12.06 -13.59 -8.44
C SER A 98 11.99 -12.48 -7.37
N ARG A 99 12.75 -11.40 -7.58
CA ARG A 99 12.85 -10.32 -6.57
C ARG A 99 12.04 -9.09 -7.00
N VAL A 100 11.63 -9.00 -8.27
CA VAL A 100 10.75 -7.92 -8.78
C VAL A 100 9.66 -8.63 -9.55
N ALA A 101 8.48 -8.59 -8.97
CA ALA A 101 7.37 -9.39 -9.49
C ALA A 101 6.08 -8.65 -9.27
N SER A 102 5.14 -8.86 -10.15
CA SER A 102 3.81 -8.26 -10.01
C SER A 102 2.99 -9.05 -9.00
N ILE A 103 1.97 -8.41 -8.47
CA ILE A 103 0.98 -9.01 -7.54
C ILE A 103 -0.34 -9.01 -8.32
N SER A 104 -1.05 -10.11 -8.21
CA SER A 104 -2.32 -10.30 -8.91
C SER A 104 -3.39 -9.40 -8.29
N LEU A 105 -4.27 -8.89 -9.13
CA LEU A 105 -5.49 -8.24 -8.66
C LEU A 105 -6.45 -9.32 -8.19
N PRO A 106 -7.38 -8.96 -7.30
CA PRO A 106 -8.33 -9.93 -6.78
C PRO A 106 -9.46 -10.16 -7.77
N THR A 107 -9.98 -11.37 -7.76
CA THR A 107 -11.23 -11.71 -8.51
C THR A 107 -12.41 -11.62 -7.55
N SER A 108 -12.12 -11.59 -6.27
CA SER A 108 -13.14 -11.59 -5.23
C SER A 108 -12.64 -10.71 -4.09
N CYS A 109 -13.55 -10.13 -3.33
CA CYS A 109 -13.23 -9.35 -2.12
C CYS A 109 -12.99 -10.31 -0.97
N ALA A 110 -11.98 -10.04 -0.21
CA ALA A 110 -11.59 -10.83 0.96
C ALA A 110 -12.58 -10.61 2.08
N SER A 111 -12.89 -11.68 2.79
CA SER A 111 -13.76 -11.63 3.98
C SER A 111 -12.99 -11.20 5.23
N ALA A 112 -13.74 -10.62 6.15
CA ALA A 112 -13.29 -10.42 7.53
C ALA A 112 -12.71 -11.73 8.07
N GLY A 113 -11.58 -11.63 8.77
CA GLY A 113 -10.93 -12.80 9.36
C GLY A 113 -9.78 -13.26 8.50
N THR A 114 -9.74 -12.86 7.23
CA THR A 114 -8.64 -13.25 6.32
C THR A 114 -7.35 -12.63 6.81
N GLN A 115 -6.28 -13.36 6.86
CA GLN A 115 -4.97 -12.84 7.28
C GLN A 115 -4.31 -12.22 6.05
N CYS A 116 -3.69 -11.06 6.27
CA CYS A 116 -3.02 -10.32 5.20
C CYS A 116 -1.63 -9.90 5.64
N LEU A 117 -0.84 -9.52 4.68
CA LEU A 117 0.53 -9.03 4.86
C LEU A 117 0.53 -7.58 4.39
N ILE A 118 0.96 -6.74 5.28
CA ILE A 118 1.08 -5.28 5.06
C ILE A 118 2.55 -4.98 5.15
N SER A 119 3.06 -4.16 4.26
CA SER A 119 4.51 -3.92 4.20
C SER A 119 4.77 -2.43 3.92
N GLY A 120 5.91 -1.98 4.38
CA GLY A 120 6.33 -0.61 4.09
C GLY A 120 7.55 -0.17 4.88
N TRP A 121 7.98 1.04 4.52
CA TRP A 121 9.13 1.72 5.15
C TRP A 121 8.69 2.86 6.05
N GLY A 122 7.46 2.84 6.50
CA GLY A 122 6.97 3.88 7.41
C GLY A 122 7.52 3.80 8.80
N ASN A 123 7.09 4.78 9.56
CA ASN A 123 7.47 4.92 10.98
C ASN A 123 7.22 3.61 11.72
N THR A 124 8.11 3.23 12.62
CA THR A 124 7.96 2.04 13.47
C THR A 124 7.52 2.39 14.89
N LYS A 125 7.28 3.65 15.22
CA LYS A 125 6.79 4.04 16.57
C LYS A 125 5.36 4.62 16.53
N SER A 126 4.56 4.42 17.58
CA SER A 126 3.18 4.99 17.70
C SER A 126 3.22 6.39 18.34
N SER A 127 4.32 6.66 19.05
CA SER A 127 4.68 7.97 19.66
C SER A 127 6.13 8.27 19.32
N GLY A 128 6.41 9.49 18.88
CA GLY A 128 7.71 9.81 18.29
C GLY A 128 7.90 9.06 16.96
N THR A 129 9.16 8.94 16.57
CA THR A 129 9.55 8.84 15.16
C THR A 129 10.84 8.02 15.04
N SER A 130 10.77 6.93 14.30
CA SER A 130 11.94 6.17 13.87
C SER A 130 11.58 5.50 12.56
N TYR A 131 12.29 5.90 11.53
CA TYR A 131 12.09 5.41 10.15
C TYR A 131 13.14 4.37 9.86
N PRO A 132 12.69 3.15 9.50
CA PRO A 132 13.61 2.07 9.16
C PRO A 132 14.10 2.32 7.73
N ASP A 133 15.23 1.76 7.46
CA ASP A 133 15.78 1.84 6.11
C ASP A 133 15.38 0.56 5.34
N VAL A 134 15.05 -0.54 6.02
CA VAL A 134 14.69 -1.83 5.39
C VAL A 134 13.20 -2.09 5.54
N LEU A 135 12.69 -2.88 4.63
CA LEU A 135 11.26 -3.13 4.53
C LEU A 135 10.74 -3.86 5.74
N LYS A 136 9.65 -3.38 6.30
CA LYS A 136 8.98 -3.99 7.44
C LYS A 136 7.66 -4.59 7.00
N CYS A 137 7.29 -5.64 7.70
CA CYS A 137 6.13 -6.48 7.39
C CYS A 137 5.27 -6.63 8.63
N LEU A 138 3.99 -6.82 8.40
CA LEU A 138 3.03 -7.06 9.46
C LEU A 138 1.98 -8.00 8.93
N LYS A 139 1.72 -9.04 9.66
CA LYS A 139 0.55 -9.90 9.41
C LYS A 139 -0.61 -9.39 10.25
N ALA A 140 -1.75 -9.17 9.62
CA ALA A 140 -2.92 -8.60 10.29
C ALA A 140 -4.14 -9.13 9.61
N PRO A 141 -5.20 -9.34 10.38
CA PRO A 141 -6.46 -9.77 9.79
C PRO A 141 -7.32 -8.59 9.33
N ILE A 142 -8.17 -8.85 8.38
CA ILE A 142 -9.27 -7.95 7.99
C ILE A 142 -10.28 -8.00 9.11
N LEU A 143 -10.73 -6.83 9.55
CA LEU A 143 -11.76 -6.73 10.58
C LEU A 143 -13.14 -6.71 9.93
N SER A 144 -14.13 -7.08 10.71
CA SER A 144 -15.53 -7.03 10.28
C SER A 144 -15.89 -5.58 9.95
N ASP A 145 -16.76 -5.39 8.98
CA ASP A 145 -17.29 -4.05 8.63
C ASP A 145 -17.89 -3.43 9.91
N SER A 146 -18.57 -4.18 10.75
CA SER A 146 -19.21 -3.61 11.94
C SER A 146 -18.14 -3.09 12.91
N SER A 147 -17.04 -3.81 13.14
CA SER A 147 -15.92 -3.39 14.03
C SER A 147 -15.32 -2.11 13.47
N CYS A 148 -15.17 -2.07 12.19
CA CYS A 148 -14.48 -0.96 11.47
C CYS A 148 -15.36 0.29 11.64
N LYS A 149 -16.65 0.14 11.38
CA LYS A 149 -17.61 1.27 11.47
C LYS A 149 -17.72 1.70 12.93
N SER A 150 -17.64 0.79 13.88
CA SER A 150 -17.72 1.16 15.32
C SER A 150 -16.49 1.96 15.74
N ALA A 151 -15.34 1.66 15.15
CA ALA A 151 -14.06 2.33 15.45
C ALA A 151 -14.04 3.75 14.84
N TYR A 152 -14.63 3.93 13.69
CA TYR A 152 -14.62 5.20 12.94
C TYR A 152 -16.03 5.53 12.51
N PRO A 153 -16.89 5.92 13.46
CA PRO A 153 -18.26 6.28 13.15
C PRO A 153 -18.34 7.35 12.07
N GLY A 154 -19.18 7.10 11.07
CA GLY A 154 -19.47 8.12 10.04
C GLY A 154 -18.34 8.28 9.05
N GLN A 155 -17.31 7.44 9.07
CA GLN A 155 -16.13 7.67 8.19
C GLN A 155 -15.84 6.50 7.25
N ILE A 156 -16.45 5.35 7.45
CA ILE A 156 -16.07 4.18 6.63
C ILE A 156 -17.05 4.08 5.49
N THR A 157 -16.54 4.10 4.28
CA THR A 157 -17.39 3.90 3.11
C THR A 157 -17.24 2.45 2.62
N SER A 158 -18.02 2.07 1.62
CA SER A 158 -18.01 0.72 1.08
C SER A 158 -16.69 0.49 0.36
N ASN A 159 -15.85 1.51 0.19
CA ASN A 159 -14.55 1.41 -0.52
C ASN A 159 -13.40 1.31 0.47
N MET A 160 -13.70 1.03 1.73
CA MET A 160 -12.69 0.97 2.78
C MET A 160 -12.89 -0.31 3.59
N PHE A 161 -11.80 -0.82 4.11
CA PHE A 161 -11.90 -1.83 5.16
C PHE A 161 -10.84 -1.52 6.21
N CYS A 162 -11.08 -2.08 7.37
CA CYS A 162 -10.11 -2.05 8.50
C CYS A 162 -9.34 -3.35 8.54
N ALA A 163 -8.08 -3.24 8.90
CA ALA A 163 -7.28 -4.44 9.21
C ALA A 163 -6.34 -4.10 10.34
N GLY A 164 -6.06 -5.06 11.17
CA GLY A 164 -5.15 -4.80 12.27
C GLY A 164 -5.71 -5.38 13.53
N TYR A 165 -5.50 -4.68 14.62
CA TYR A 165 -5.70 -5.18 15.99
C TYR A 165 -6.39 -4.12 16.81
N LEU A 166 -7.58 -4.41 17.30
CA LEU A 166 -8.31 -3.42 18.14
C LEU A 166 -7.52 -3.13 19.43
N GLU A 167 -6.67 -4.04 19.90
CA GLU A 167 -5.83 -3.92 21.12
C GLU A 167 -4.79 -2.82 20.92
N GLY A 168 -4.49 -2.45 19.67
CA GLY A 168 -3.37 -1.56 19.31
C GLY A 168 -2.06 -2.32 19.22
N GLY A 169 -1.01 -1.55 19.03
CA GLY A 169 0.39 -2.00 19.09
C GLY A 169 0.96 -2.47 17.76
N LYS A 170 0.12 -2.76 16.77
CA LYS A 170 0.54 -3.27 15.46
C LYS A 170 -0.34 -2.58 14.41
N ASP A 171 0.31 -1.90 13.48
CA ASP A 171 -0.41 -1.09 12.48
C ASP A 171 0.59 -0.60 11.44
N SER A 172 0.02 -0.14 10.33
CA SER A 172 0.73 0.68 9.37
C SER A 172 0.81 2.11 9.92
N CYS A 173 1.73 2.88 9.41
CA CYS A 173 1.95 4.24 9.94
C CYS A 173 2.45 5.16 8.83
N GLN A 174 2.84 6.36 9.23
CA GLN A 174 3.29 7.42 8.30
C GLN A 174 4.42 6.84 7.43
N GLY A 175 4.29 6.94 6.12
CA GLY A 175 5.30 6.50 5.16
C GLY A 175 4.99 5.13 4.61
N ASP A 176 4.01 4.47 5.18
CA ASP A 176 3.48 3.19 4.64
C ASP A 176 2.40 3.47 3.61
N SER A 177 1.91 4.72 3.58
CA SER A 177 0.86 5.16 2.65
C SER A 177 1.09 4.58 1.27
N GLY A 178 0.02 4.06 0.66
CA GLY A 178 0.07 3.62 -0.73
C GLY A 178 0.49 2.17 -0.86
N GLY A 179 1.03 1.59 0.20
CA GLY A 179 1.58 0.23 0.14
C GLY A 179 0.52 -0.84 0.17
N PRO A 180 1.00 -2.05 -0.12
CA PRO A 180 0.09 -3.18 -0.27
C PRO A 180 -0.40 -3.86 0.99
N VAL A 181 -1.64 -4.31 0.90
CA VAL A 181 -2.23 -5.32 1.79
C VAL A 181 -2.54 -6.51 0.91
N VAL A 182 -1.80 -7.57 1.13
CA VAL A 182 -1.88 -8.78 0.27
C VAL A 182 -2.44 -9.90 1.11
N CYS A 183 -3.46 -10.52 0.57
CA CYS A 183 -4.16 -11.60 1.28
C CYS A 183 -4.35 -12.75 0.33
N SER A 184 -3.87 -13.90 0.73
CA SER A 184 -4.02 -15.13 -0.10
C SER A 184 -3.45 -14.87 -1.50
N GLY A 185 -2.33 -14.14 -1.58
CA GLY A 185 -1.57 -13.92 -2.82
C GLY A 185 -2.25 -12.93 -3.76
N LYS A 186 -3.17 -12.11 -3.25
CA LYS A 186 -3.84 -11.12 -4.11
C LYS A 186 -3.78 -9.77 -3.41
N LEU A 187 -3.72 -8.69 -4.18
CA LEU A 187 -3.75 -7.34 -3.63
C LEU A 187 -5.18 -6.96 -3.21
N GLN A 188 -5.44 -6.88 -1.93
CA GLN A 188 -6.78 -6.55 -1.42
C GLN A 188 -6.85 -5.12 -0.92
N GLY A 189 -5.75 -4.53 -0.50
CA GLY A 189 -5.85 -3.21 0.07
C GLY A 189 -4.65 -2.35 -0.22
N ILE A 190 -4.88 -1.06 0.02
CA ILE A 190 -3.86 -0.02 -0.10
C ILE A 190 -3.85 0.73 1.23
N VAL A 191 -2.67 0.94 1.79
CA VAL A 191 -2.58 1.73 3.04
C VAL A 191 -3.10 3.15 2.80
N SER A 192 -4.18 3.45 3.50
CA SER A 192 -4.91 4.71 3.20
C SER A 192 -4.87 5.69 4.39
N TRP A 193 -5.45 5.34 5.51
CA TRP A 193 -5.54 6.27 6.62
C TRP A 193 -5.79 5.56 7.95
N GLY A 194 -5.79 6.37 9.01
CA GLY A 194 -6.16 5.93 10.35
C GLY A 194 -6.09 7.12 11.26
N SER A 195 -6.46 6.90 12.49
CA SER A 195 -6.27 7.86 13.59
C SER A 195 -4.97 7.47 14.27
N GLY A 196 -3.90 8.21 13.98
CA GLY A 196 -2.58 7.86 14.52
C GLY A 196 -2.18 6.50 14.02
N CYS A 197 -1.29 5.84 14.75
CA CYS A 197 -0.79 4.49 14.42
C CYS A 197 -0.88 3.64 15.68
N ALA A 198 -1.40 2.43 15.54
CA ALA A 198 -1.30 1.40 16.57
C ALA A 198 -2.03 1.81 17.83
N GLN A 199 -2.96 2.76 17.74
CA GLN A 199 -3.75 3.12 18.93
C GLN A 199 -4.85 2.10 19.17
N LYS A 200 -5.20 1.92 20.44
CA LYS A 200 -6.31 1.06 20.83
C LYS A 200 -7.59 1.56 20.13
N ASN A 201 -8.37 0.63 19.58
CA ASN A 201 -9.70 0.86 18.97
C ASN A 201 -9.59 1.71 17.70
N LYS A 202 -8.40 1.84 17.11
CA LYS A 202 -8.18 2.70 15.92
C LYS A 202 -7.31 1.90 14.96
N PRO A 203 -7.89 0.87 14.30
CA PRO A 203 -7.11 0.11 13.34
C PRO A 203 -6.86 0.95 12.11
N GLY A 204 -5.93 0.48 11.33
CA GLY A 204 -5.70 1.06 10.01
C GLY A 204 -6.88 0.84 9.07
N VAL A 205 -7.03 1.81 8.18
CA VAL A 205 -8.07 1.80 7.15
C VAL A 205 -7.39 1.72 5.81
N TYR A 206 -7.96 0.88 4.96
CA TYR A 206 -7.34 0.50 3.69
C TYR A 206 -8.36 0.64 2.55
N THR A 207 -7.89 1.09 1.41
CA THR A 207 -8.71 1.10 0.19
C THR A 207 -9.05 -0.32 -0.20
N LYS A 208 -10.30 -0.53 -0.52
CA LYS A 208 -10.83 -1.86 -0.86
C LYS A 208 -10.63 -2.09 -2.35
N VAL A 209 -9.50 -2.70 -2.73
CA VAL A 209 -9.06 -2.81 -4.14
C VAL A 209 -10.05 -3.61 -4.99
N CYS A 210 -10.72 -4.59 -4.38
CA CYS A 210 -11.64 -5.43 -5.17
C CYS A 210 -12.73 -4.59 -5.80
N ASN A 211 -13.02 -3.40 -5.29
CA ASN A 211 -14.08 -2.57 -5.88
C ASN A 211 -13.57 -1.83 -7.12
N TYR A 212 -12.27 -1.86 -7.37
CA TYR A 212 -11.64 -1.04 -8.42
C TYR A 212 -11.06 -1.83 -9.57
N VAL A 213 -11.24 -3.14 -9.58
CA VAL A 213 -10.56 -4.00 -10.58
C VAL A 213 -11.01 -3.60 -11.99
N SER A 214 -12.30 -3.34 -12.19
CA SER A 214 -12.76 -2.97 -13.55
C SER A 214 -12.17 -1.62 -13.97
N TRP A 215 -12.11 -0.65 -13.05
CA TRP A 215 -11.45 0.64 -13.37
C TRP A 215 -9.98 0.43 -13.69
N ILE A 216 -9.29 -0.37 -12.89
CA ILE A 216 -7.86 -0.62 -13.14
C ILE A 216 -7.68 -1.24 -14.52
N LYS A 217 -8.41 -2.30 -14.79
CA LYS A 217 -8.19 -3.04 -16.06
C LYS A 217 -8.54 -2.15 -17.24
N GLN A 218 -9.60 -1.36 -17.14
CA GLN A 218 -10.02 -0.51 -18.29
C GLN A 218 -8.97 0.58 -18.50
N THR A 219 -8.46 1.13 -17.38
CA THR A 219 -7.51 2.25 -17.46
C THR A 219 -6.22 1.75 -18.09
N ILE A 220 -5.73 0.61 -17.63
CA ILE A 220 -4.49 0.03 -18.19
C ILE A 220 -4.65 -0.28 -19.65
N ALA A 221 -5.81 -0.76 -20.08
CA ALA A 221 -6.00 -1.18 -21.47
C ALA A 221 -5.95 0.00 -22.44
N SER A 222 -6.16 1.22 -21.95
CA SER A 222 -6.37 2.41 -22.80
C SER A 222 -5.28 3.46 -22.59
N ASN A 223 -4.30 3.20 -21.76
CA ASN A 223 -3.26 4.19 -21.44
C ASN A 223 -1.87 3.57 -21.53
N1 F5U B . -1.07 7.74 6.40
C4 F5U B . -1.02 7.25 8.57
C5 F5U B . -0.77 8.25 7.63
C6 F5U B . -0.31 9.54 7.98
C7 F5U B . -0.07 9.79 9.30
C8 F5U B . -1.47 6.44 6.53
C10 F5U B . -1.78 4.73 8.33
C1 F5U B . 1.27 9.16 12.06
C11 F5U B . -2.40 4.61 9.66
C2 F5U B . -0.32 8.81 10.27
C3 F5U B . -0.78 7.55 9.94
C9 F5U B . -1.47 6.09 7.85
N2 F5U B . -2.61 3.18 9.79
O1 F5U B . -0.09 9.12 11.60
S DMS C . 20.12 4.89 -2.51
O DMS C . 19.35 4.47 -3.71
C1 DMS C . 19.31 6.39 -1.89
C2 DMS C . 21.61 5.68 -3.13
CA CA D . 18.37 -0.08 -2.08
#